data_8DOQ
#
_entry.id   8DOQ
#
_cell.length_a   49.350
_cell.length_b   70.500
_cell.length_c   66.840
_cell.angle_alpha   90.000
_cell.angle_beta   90.910
_cell.angle_gamma   90.000
#
_symmetry.space_group_name_H-M   'P 1 21 1'
#
loop_
_entity.id
_entity.type
_entity.pdbx_description
1 polymer '2,3-diketo-5-methylthiopentyl-1-phosphate enolase-phosphatase'
2 non-polymer 'BENZOIC ACID'
3 non-polymer (4S)-2-METHYL-2,4-PENTANEDIOL
4 water water
#
_entity_poly.entity_id   1
_entity_poly.type   'polypeptide(L)'
_entity_poly.pdbx_seq_one_letter_code
;MAHHHHHHMTSTATSSPRVITSSPVVVALDYDNRDKALAFVERIDPRDCRLKVGKEMFTLLGPQFVRDLHQRGFEVFLDL
KFHDIPNTTARAVAAAAELGVWMVNVHASGGARMMTAAREALLPFGKEAPLLIAVTVLTSMEASDLQDLGIMLSPADHAA
KLAALTKRCGLDGVVCSAQEAVRFKQELGQEFKLVTPGIRPTGSDAGDQRRIMTPEQAQQAGVDYMVIGRPVTQSADPVA
TLASINASLNKGV
;
_entity_poly.pdbx_strand_id   A,B
#
# COMPACT_ATOMS: atom_id res chain seq x y z
N ILE A 20 6.59 16.84 -23.31
CA ILE A 20 6.25 17.03 -21.91
C ILE A 20 5.20 18.15 -21.76
N THR A 21 4.33 17.98 -20.77
CA THR A 21 3.18 18.85 -20.55
C THR A 21 3.48 20.03 -19.63
N SER A 22 2.83 21.16 -19.92
CA SER A 22 2.87 22.31 -19.03
C SER A 22 1.67 22.36 -18.11
N SER A 23 0.65 21.53 -18.36
CA SER A 23 -0.50 21.51 -17.49
C SER A 23 -0.12 20.91 -16.14
N PRO A 24 -0.63 21.47 -15.05
CA PRO A 24 -0.48 20.83 -13.74
C PRO A 24 -1.51 19.72 -13.46
N VAL A 25 -2.40 19.42 -14.40
CA VAL A 25 -3.47 18.46 -14.18
C VAL A 25 -2.96 17.02 -14.32
N VAL A 26 -3.38 16.17 -13.40
CA VAL A 26 -3.10 14.73 -13.46
C VAL A 26 -4.46 14.04 -13.42
N VAL A 27 -4.86 13.38 -14.50
CA VAL A 27 -6.16 12.73 -14.52
C VAL A 27 -6.08 11.33 -13.95
N ALA A 28 -6.99 11.04 -13.01
CA ALA A 28 -7.04 9.74 -12.34
C ALA A 28 -7.71 8.68 -13.22
N LEU A 29 -7.04 7.55 -13.43
CA LEU A 29 -7.59 6.43 -14.20
C LEU A 29 -8.11 5.38 -13.23
N ASP A 30 -9.38 5.49 -12.86
CA ASP A 30 -9.97 4.59 -11.88
C ASP A 30 -10.97 3.63 -12.53
N TYR A 31 -10.72 3.26 -13.77
CA TYR A 31 -11.50 2.27 -14.48
C TYR A 31 -11.31 0.88 -13.88
N ASP A 32 -12.30 0.01 -14.08
CA ASP A 32 -12.12 -1.39 -13.69
C ASP A 32 -11.86 -2.27 -14.89
N ASN A 33 -11.61 -1.68 -16.05
CA ASN A 33 -11.36 -2.43 -17.27
C ASN A 33 -10.30 -1.74 -18.12
N ARG A 34 -9.36 -2.51 -18.64
CA ARG A 34 -8.31 -1.94 -19.48
C ARG A 34 -8.90 -1.26 -20.72
N ASP A 35 -9.85 -1.90 -21.39
N ASP A 35 -9.84 -1.91 -21.39
CA ASP A 35 -10.34 -1.32 -22.64
CA ASP A 35 -10.36 -1.33 -22.63
C ASP A 35 -11.00 0.03 -22.42
C ASP A 35 -10.95 0.05 -22.38
N LYS A 36 -11.77 0.18 -21.33
CA LYS A 36 -12.40 1.46 -21.04
C LYS A 36 -11.34 2.51 -20.73
N ALA A 37 -10.31 2.12 -19.98
CA ALA A 37 -9.28 3.08 -19.64
C ALA A 37 -8.57 3.58 -20.89
N LEU A 38 -8.17 2.66 -21.78
CA LEU A 38 -7.36 3.04 -22.93
C LEU A 38 -8.19 3.80 -23.95
N ALA A 39 -9.50 3.57 -23.97
CA ALA A 39 -10.37 4.33 -24.86
C ALA A 39 -10.38 5.80 -24.45
N PHE A 40 -10.43 6.05 -23.15
CA PHE A 40 -10.29 7.42 -22.67
C PHE A 40 -8.92 7.99 -22.98
N VAL A 41 -7.86 7.24 -22.67
CA VAL A 41 -6.52 7.73 -22.91
C VAL A 41 -6.30 8.05 -24.39
N GLU A 42 -6.89 7.26 -25.28
CA GLU A 42 -6.76 7.53 -26.72
C GLU A 42 -7.40 8.85 -27.13
N ARG A 43 -8.36 9.35 -26.37
CA ARG A 43 -9.06 10.59 -26.72
C ARG A 43 -8.26 11.83 -26.34
N ILE A 44 -7.54 11.76 -25.23
CA ILE A 44 -6.80 12.90 -24.70
C ILE A 44 -5.40 12.81 -25.27
N ASP A 45 -4.52 13.66 -24.80
CA ASP A 45 -3.18 13.83 -25.37
C ASP A 45 -2.18 14.13 -24.24
N PRO A 46 -0.96 13.60 -24.32
CA PRO A 46 0.00 13.80 -23.23
C PRO A 46 0.41 15.26 -23.00
N ARG A 47 0.26 16.11 -23.99
CA ARG A 47 0.49 17.54 -23.80
C ARG A 47 -0.55 18.18 -22.91
N ASP A 48 -1.72 17.55 -22.72
CA ASP A 48 -2.78 18.21 -21.97
C ASP A 48 -2.87 17.79 -20.51
N CYS A 49 -2.27 16.67 -20.14
CA CYS A 49 -2.29 16.22 -18.74
C CYS A 49 -1.33 15.07 -18.54
N ARG A 50 -1.04 14.78 -17.26
CA ARG A 50 -0.40 13.53 -16.89
C ARG A 50 -1.50 12.59 -16.39
N LEU A 51 -1.15 11.33 -16.04
CA LEU A 51 -2.14 10.33 -15.62
C LEU A 51 -1.77 9.71 -14.28
N LYS A 52 -2.78 9.34 -13.50
CA LYS A 52 -2.56 8.66 -12.21
C LYS A 52 -3.12 7.24 -12.27
N VAL A 53 -2.29 6.28 -11.86
CA VAL A 53 -2.61 4.87 -11.83
C VAL A 53 -2.62 4.51 -10.37
N GLY A 54 -3.76 4.11 -9.86
CA GLY A 54 -3.92 3.79 -8.45
C GLY A 54 -4.03 2.30 -8.16
N LYS A 55 -4.45 2.00 -6.93
CA LYS A 55 -4.40 0.62 -6.45
C LYS A 55 -5.27 -0.28 -7.29
N GLU A 56 -6.43 0.20 -7.71
CA GLU A 56 -7.36 -0.74 -8.33
C GLU A 56 -6.84 -1.18 -9.68
N MET A 57 -6.43 -0.21 -10.52
CA MET A 57 -5.92 -0.54 -11.85
C MET A 57 -4.62 -1.31 -11.76
N PHE A 58 -3.75 -0.95 -10.81
CA PHE A 58 -2.48 -1.67 -10.70
C PHE A 58 -2.67 -3.10 -10.20
N THR A 59 -3.58 -3.34 -9.23
CA THR A 59 -3.82 -4.70 -8.78
C THR A 59 -4.41 -5.54 -9.90
N LEU A 60 -5.19 -4.91 -10.79
CA LEU A 60 -5.80 -5.62 -11.90
C LEU A 60 -4.84 -5.90 -13.05
N LEU A 61 -3.98 -4.94 -13.37
CA LEU A 61 -3.22 -4.98 -14.62
C LEU A 61 -1.72 -4.97 -14.45
N GLY A 62 -1.22 -4.50 -13.32
CA GLY A 62 0.19 -4.52 -13.06
C GLY A 62 1.00 -3.50 -13.84
N PRO A 63 2.32 -3.62 -13.76
CA PRO A 63 3.19 -2.61 -14.38
C PRO A 63 3.05 -2.55 -15.88
N GLN A 64 2.58 -3.62 -16.54
CA GLN A 64 2.43 -3.50 -17.99
C GLN A 64 1.48 -2.36 -18.35
N PHE A 65 0.49 -2.06 -17.51
CA PHE A 65 -0.42 -0.96 -17.83
C PHE A 65 0.31 0.38 -17.78
N VAL A 66 1.20 0.56 -16.80
CA VAL A 66 2.06 1.74 -16.78
C VAL A 66 2.90 1.80 -18.05
N ARG A 67 3.48 0.67 -18.47
CA ARG A 67 4.28 0.68 -19.68
C ARG A 67 3.43 1.08 -20.89
N ASP A 68 2.18 0.61 -20.94
CA ASP A 68 1.30 0.97 -22.06
C ASP A 68 1.07 2.48 -22.10
N LEU A 69 0.92 3.11 -20.93
CA LEU A 69 0.69 4.55 -20.89
C LEU A 69 1.97 5.27 -21.31
N HIS A 70 3.13 4.77 -20.87
CA HIS A 70 4.39 5.36 -21.30
C HIS A 70 4.56 5.24 -22.81
N GLN A 71 4.15 4.12 -23.41
CA GLN A 71 4.31 3.92 -24.84
C GLN A 71 3.46 4.92 -25.62
N ARG A 72 2.40 5.41 -25.00
CA ARG A 72 1.52 6.44 -25.54
C ARG A 72 1.97 7.85 -25.22
N GLY A 73 3.12 8.02 -24.55
CA GLY A 73 3.71 9.33 -24.34
C GLY A 73 3.36 10.04 -23.05
N PHE A 74 2.63 9.40 -22.13
CA PHE A 74 2.20 10.06 -20.91
C PHE A 74 3.22 9.88 -19.80
N GLU A 75 3.27 10.87 -18.93
CA GLU A 75 3.91 10.74 -17.64
C GLU A 75 2.85 10.33 -16.63
N VAL A 76 3.26 9.51 -15.66
CA VAL A 76 2.38 8.72 -14.81
C VAL A 76 2.73 9.00 -13.36
N PHE A 77 1.70 9.26 -12.55
CA PHE A 77 1.82 9.27 -11.09
C PHE A 77 1.36 7.88 -10.64
N LEU A 78 2.28 7.08 -10.09
CA LEU A 78 1.93 5.77 -9.57
C LEU A 78 1.54 5.98 -8.12
N ASP A 79 0.24 5.96 -7.86
CA ASP A 79 -0.35 6.33 -6.59
C ASP A 79 -0.74 5.04 -5.87
N LEU A 80 0.23 4.36 -5.29
CA LEU A 80 -0.06 3.16 -4.52
C LEU A 80 0.06 3.33 -3.01
N LYS A 81 0.58 4.47 -2.55
CA LYS A 81 0.64 4.78 -1.11
C LYS A 81 1.37 3.69 -0.32
N PHE A 82 2.61 3.43 -0.72
CA PHE A 82 3.39 2.38 -0.04
C PHE A 82 3.51 2.69 1.45
N HIS A 83 3.23 1.67 2.28
CA HIS A 83 3.33 1.80 3.74
C HIS A 83 3.80 0.45 4.28
N ASP A 84 5.08 0.38 4.62
CA ASP A 84 5.71 -0.89 4.95
C ASP A 84 6.94 -0.59 5.76
N ILE A 85 7.67 -1.65 6.09
CA ILE A 85 8.94 -1.51 6.82
C ILE A 85 9.91 -0.80 5.90
N PRO A 86 10.91 -0.13 6.43
CA PRO A 86 11.79 0.67 5.57
C PRO A 86 12.37 -0.04 4.36
N ASN A 87 12.95 -1.24 4.52
CA ASN A 87 13.62 -1.89 3.40
C ASN A 87 12.62 -2.26 2.32
N THR A 88 11.46 -2.74 2.73
CA THR A 88 10.47 -3.10 1.72
C THR A 88 9.92 -1.90 0.96
N THR A 89 9.60 -0.82 1.65
CA THR A 89 9.16 0.40 0.97
C THR A 89 10.25 0.91 0.02
N ALA A 90 11.48 0.84 0.45
CA ALA A 90 12.58 1.28 -0.40
C ALA A 90 12.67 0.45 -1.68
N ARG A 91 12.53 -0.88 -1.58
CA ARG A 91 12.61 -1.71 -2.79
C ARG A 91 11.42 -1.46 -3.70
N ALA A 92 10.26 -1.18 -3.13
CA ALA A 92 9.08 -0.90 -3.95
C ALA A 92 9.23 0.43 -4.69
N VAL A 93 9.72 1.45 -3.99
CA VAL A 93 9.99 2.74 -4.62
C VAL A 93 11.05 2.59 -5.69
N ALA A 94 12.10 1.78 -5.46
CA ALA A 94 13.09 1.56 -6.49
C ALA A 94 12.48 0.86 -7.70
N ALA A 95 11.58 -0.09 -7.46
CA ALA A 95 10.89 -0.75 -8.57
C ALA A 95 10.09 0.25 -9.38
N ALA A 96 9.44 1.19 -8.72
CA ALA A 96 8.72 2.23 -9.44
C ALA A 96 9.65 3.08 -10.28
N ALA A 97 10.82 3.39 -9.74
CA ALA A 97 11.81 4.17 -10.48
C ALA A 97 12.27 3.41 -11.72
N GLU A 98 12.45 2.09 -11.58
CA GLU A 98 12.88 1.25 -12.69
C GLU A 98 11.83 1.25 -13.79
N LEU A 99 10.57 1.27 -13.38
CA LEU A 99 9.45 1.33 -14.30
C LEU A 99 9.38 2.66 -15.03
N GLY A 100 10.06 3.69 -14.51
CA GLY A 100 10.17 4.97 -15.18
C GLY A 100 9.08 5.97 -14.86
N VAL A 101 8.38 5.84 -13.72
CA VAL A 101 7.26 6.74 -13.48
C VAL A 101 7.74 8.12 -13.08
N TRP A 102 6.85 9.10 -13.24
CA TRP A 102 7.10 10.51 -12.98
C TRP A 102 6.96 10.85 -11.51
N MET A 103 6.02 10.23 -10.82
CA MET A 103 5.77 10.47 -9.41
C MET A 103 5.35 9.17 -8.74
N VAL A 104 5.78 8.99 -7.49
CA VAL A 104 5.34 7.86 -6.68
C VAL A 104 5.10 8.36 -5.27
N ASN A 105 4.23 7.65 -4.53
CA ASN A 105 3.96 8.13 -3.17
C ASN A 105 4.07 7.03 -2.12
N VAL A 106 4.25 7.52 -0.90
CA VAL A 106 4.34 6.68 0.30
C VAL A 106 3.51 7.33 1.40
N HIS A 107 3.21 6.56 2.45
CA HIS A 107 2.53 7.13 3.61
C HIS A 107 3.55 7.74 4.58
N ALA A 108 3.35 9.00 4.94
CA ALA A 108 4.20 9.55 6.00
C ALA A 108 4.01 8.80 7.30
N SER A 109 2.83 8.19 7.50
CA SER A 109 2.54 7.38 8.68
C SER A 109 3.49 6.20 8.84
N GLY A 110 4.20 5.82 7.78
CA GLY A 110 5.24 4.82 7.88
C GLY A 110 6.45 5.26 8.70
N GLY A 111 6.54 6.54 9.03
CA GLY A 111 7.60 7.03 9.90
C GLY A 111 8.82 7.55 9.15
N ALA A 112 9.69 8.22 9.94
CA ALA A 112 10.83 8.89 9.33
C ALA A 112 11.80 7.89 8.72
N ARG A 113 12.09 6.77 9.41
CA ARG A 113 13.08 5.85 8.88
C ARG A 113 12.59 5.25 7.57
N MET A 114 11.28 4.98 7.46
CA MET A 114 10.73 4.49 6.20
C MET A 114 10.87 5.52 5.09
N MET A 115 10.54 6.78 5.37
CA MET A 115 10.66 7.80 4.33
C MET A 115 12.12 8.01 3.93
N THR A 116 13.05 8.00 4.90
CA THR A 116 14.46 8.15 4.58
C THR A 116 14.96 7.01 3.71
N ALA A 117 14.47 5.79 3.97
CA ALA A 117 14.85 4.64 3.16
C ALA A 117 14.38 4.81 1.73
N ALA A 118 13.15 5.29 1.56
CA ALA A 118 12.63 5.55 0.21
C ALA A 118 13.44 6.63 -0.48
N ARG A 119 13.81 7.70 0.23
CA ARG A 119 14.62 8.75 -0.37
C ARG A 119 15.95 8.16 -0.87
N GLU A 120 16.61 7.40 -0.02
CA GLU A 120 17.90 6.82 -0.38
C GLU A 120 17.77 5.88 -1.57
N ALA A 121 16.65 5.16 -1.69
CA ALA A 121 16.49 4.21 -2.79
C ALA A 121 16.47 4.92 -4.14
N LEU A 122 16.06 6.18 -4.18
CA LEU A 122 15.98 6.90 -5.43
C LEU A 122 17.25 7.65 -5.80
N LEU A 123 18.21 7.75 -4.90
CA LEU A 123 19.43 8.51 -5.24
C LEU A 123 20.14 7.96 -6.47
N PRO A 124 20.31 6.64 -6.65
CA PRO A 124 21.02 6.16 -7.86
C PRO A 124 20.32 6.49 -9.15
N PHE A 125 19.02 6.78 -9.11
CA PHE A 125 18.31 7.22 -10.30
C PHE A 125 18.51 8.70 -10.60
N GLY A 126 19.09 9.46 -9.68
CA GLY A 126 19.41 10.84 -9.94
C GLY A 126 18.23 11.63 -10.49
N LYS A 127 18.50 12.41 -11.53
CA LYS A 127 17.49 13.34 -12.02
C LYS A 127 16.35 12.61 -12.73
N GLU A 128 16.54 11.36 -13.12
CA GLU A 128 15.42 10.60 -13.70
C GLU A 128 14.53 9.96 -12.63
N ALA A 129 14.80 10.18 -11.36
CA ALA A 129 13.96 9.58 -10.35
C ALA A 129 12.54 10.14 -10.42
N PRO A 130 11.54 9.35 -10.02
CA PRO A 130 10.24 9.94 -9.79
C PRO A 130 10.29 10.93 -8.67
N LEU A 131 9.41 11.92 -8.73
CA LEU A 131 9.13 12.71 -7.55
C LEU A 131 8.57 11.81 -6.47
N LEU A 132 9.08 11.97 -5.24
CA LEU A 132 8.70 11.17 -4.08
C LEU A 132 7.87 12.03 -3.14
N ILE A 133 6.60 11.69 -3.05
CA ILE A 133 5.58 12.49 -2.38
C ILE A 133 4.97 11.66 -1.27
N ALA A 134 4.66 12.27 -0.14
CA ALA A 134 4.03 11.54 0.95
C ALA A 134 2.57 11.93 1.08
N VAL A 135 1.75 10.90 1.30
CA VAL A 135 0.42 11.06 1.87
C VAL A 135 0.56 11.39 3.35
N THR A 136 -0.12 12.44 3.81
CA THR A 136 -0.09 12.77 5.21
C THR A 136 -1.35 12.17 5.85
N VAL A 137 -2.46 12.91 5.84
CA VAL A 137 -3.76 12.39 6.24
C VAL A 137 -4.62 12.21 4.98
N LEU A 138 -5.27 11.05 4.87
CA LEU A 138 -6.14 10.78 3.72
C LEU A 138 -7.32 11.74 3.73
N THR A 139 -7.74 12.17 2.53
CA THR A 139 -8.87 13.10 2.41
C THR A 139 -10.09 12.61 3.16
N SER A 140 -10.25 11.30 3.25
CA SER A 140 -11.43 10.69 3.82
C SER A 140 -11.44 10.66 5.33
N MET A 141 -10.34 11.02 5.99
CA MET A 141 -10.24 10.89 7.43
C MET A 141 -10.80 12.15 8.09
N GLU A 142 -11.72 11.96 9.02
CA GLU A 142 -12.20 13.04 9.86
C GLU A 142 -11.64 12.84 11.27
N ALA A 143 -11.86 13.84 12.12
CA ALA A 143 -11.40 13.74 13.50
C ALA A 143 -11.88 12.44 14.16
N SER A 144 -13.13 12.03 13.91
CA SER A 144 -13.63 10.85 14.60
C SER A 144 -12.90 9.59 14.14
N ASP A 145 -12.45 9.56 12.89
CA ASP A 145 -11.68 8.43 12.39
C ASP A 145 -10.30 8.38 13.05
N LEU A 146 -9.68 9.56 13.24
CA LEU A 146 -8.35 9.65 13.85
C LEU A 146 -8.38 9.26 15.32
N GLN A 147 -9.43 9.62 16.03
CA GLN A 147 -9.52 9.35 17.47
C GLN A 147 -9.46 7.86 17.76
N ASP A 148 -10.09 7.03 16.90
CA ASP A 148 -9.99 5.59 17.10
C ASP A 148 -8.55 5.12 17.09
N LEU A 149 -7.64 5.88 16.47
CA LEU A 149 -6.23 5.52 16.35
C LEU A 149 -5.37 6.15 17.44
N GLY A 150 -5.97 6.91 18.34
CA GLY A 150 -5.23 7.62 19.35
C GLY A 150 -4.77 9.01 18.96
N ILE A 151 -5.16 9.50 17.78
CA ILE A 151 -4.75 10.81 17.29
C ILE A 151 -5.84 11.81 17.66
N MET A 152 -5.49 12.83 18.44
CA MET A 152 -6.47 13.79 18.93
C MET A 152 -6.40 15.14 18.20
N LEU A 153 -5.46 15.33 17.30
CA LEU A 153 -5.41 16.52 16.46
C LEU A 153 -6.47 16.47 15.38
N SER A 154 -6.84 17.67 14.91
CA SER A 154 -7.64 17.79 13.72
C SER A 154 -6.91 17.17 12.53
N PRO A 155 -7.64 16.67 11.52
CA PRO A 155 -6.96 16.18 10.32
C PRO A 155 -5.94 17.16 9.77
N ALA A 156 -6.28 18.44 9.74
CA ALA A 156 -5.40 19.45 9.18
C ALA A 156 -4.12 19.60 10.01
N ASP A 157 -4.24 19.60 11.34
CA ASP A 157 -3.07 19.73 12.21
C ASP A 157 -2.22 18.47 12.18
N HIS A 158 -2.84 17.28 12.15
CA HIS A 158 -2.06 16.05 11.98
C HIS A 158 -1.35 16.03 10.62
N ALA A 159 -2.05 16.44 9.56
CA ALA A 159 -1.42 16.53 8.25
C ALA A 159 -0.22 17.46 8.29
N ALA A 160 -0.36 18.64 8.93
CA ALA A 160 0.75 19.58 9.02
C ALA A 160 1.95 18.97 9.76
N LYS A 161 1.70 18.21 10.84
CA LYS A 161 2.78 17.55 11.55
C LYS A 161 3.48 16.52 10.66
N LEU A 162 2.69 15.73 9.91
CA LEU A 162 3.26 14.70 9.05
C LEU A 162 3.95 15.31 7.82
N ALA A 163 3.48 16.48 7.39
CA ALA A 163 4.11 17.19 6.28
C ALA A 163 5.47 17.72 6.69
N ALA A 164 5.55 18.28 7.88
CA ALA A 164 6.83 18.77 8.37
C ALA A 164 7.82 17.63 8.53
N LEU A 165 7.33 16.47 8.99
CA LEU A 165 8.18 15.28 9.06
C LEU A 165 8.68 14.89 7.67
N THR A 166 7.79 14.93 6.67
CA THR A 166 8.16 14.58 5.31
C THR A 166 9.24 15.51 4.78
N LYS A 167 9.10 16.83 5.01
CA LYS A 167 10.14 17.78 4.61
C LYS A 167 11.46 17.50 5.32
N ARG A 168 11.38 17.23 6.61
CA ARG A 168 12.59 16.97 7.40
C ARG A 168 13.32 15.74 6.86
N CYS A 169 12.58 14.77 6.34
CA CYS A 169 13.18 13.58 5.74
C CYS A 169 13.66 13.81 4.32
N GLY A 170 13.49 15.00 3.75
CA GLY A 170 14.03 15.33 2.44
C GLY A 170 13.24 14.84 1.24
N LEU A 171 11.97 14.48 1.44
CA LEU A 171 11.14 14.10 0.29
C LEU A 171 10.73 15.34 -0.52
N ASP A 172 10.12 15.08 -1.70
CA ASP A 172 9.87 16.17 -2.62
C ASP A 172 8.62 16.97 -2.30
N GLY A 173 7.67 16.43 -1.55
CA GLY A 173 6.39 17.09 -1.36
C GLY A 173 5.39 16.18 -0.69
N VAL A 174 4.15 16.68 -0.62
CA VAL A 174 3.04 15.98 0.03
C VAL A 174 1.78 16.12 -0.80
N VAL A 175 0.87 15.19 -0.57
CA VAL A 175 -0.54 15.33 -0.97
C VAL A 175 -1.22 16.18 0.09
N CYS A 176 -1.80 17.29 -0.31
N CYS A 176 -1.88 17.25 -0.36
CA CYS A 176 -2.56 18.10 0.60
CA CYS A 176 -2.39 18.34 0.49
C CYS A 176 -3.82 18.53 -0.11
C CYS A 176 -3.64 18.95 -0.15
N SER A 177 -4.70 19.17 0.63
CA SER A 177 -5.87 19.82 0.07
C SER A 177 -5.51 21.25 -0.32
N ALA A 178 -6.24 21.79 -1.28
CA ALA A 178 -6.02 23.19 -1.67
C ALA A 178 -6.29 24.12 -0.51
N GLN A 179 -7.17 23.71 0.42
CA GLN A 179 -7.50 24.56 1.55
C GLN A 179 -6.31 24.75 2.48
N GLU A 180 -5.30 23.88 2.41
CA GLU A 180 -4.11 23.99 3.23
C GLU A 180 -2.87 24.46 2.47
N ALA A 181 -2.98 24.79 1.16
CA ALA A 181 -1.78 25.07 0.39
C ALA A 181 -1.09 26.37 0.80
N VAL A 182 -1.86 27.42 1.12
CA VAL A 182 -1.24 28.67 1.55
C VAL A 182 -0.42 28.45 2.82
N ARG A 183 -1.03 27.84 3.83
CA ARG A 183 -0.32 27.48 5.05
C ARG A 183 0.95 26.69 4.75
N PHE A 184 0.86 25.69 3.85
CA PHE A 184 2.01 24.81 3.66
C PHE A 184 3.13 25.51 2.88
N LYS A 185 2.78 26.31 1.88
CA LYS A 185 3.84 27.05 1.19
C LYS A 185 4.54 28.02 2.15
N GLN A 186 3.81 28.69 3.02
CA GLN A 186 4.45 29.59 4.00
C GLN A 186 5.37 28.82 4.93
N GLU A 187 4.87 27.72 5.50
CA GLU A 187 5.61 27.01 6.55
C GLU A 187 6.71 26.13 5.98
N LEU A 188 6.48 25.50 4.80
CA LEU A 188 7.41 24.51 4.27
C LEU A 188 8.21 24.99 3.07
N GLY A 189 7.86 26.12 2.47
CA GLY A 189 8.64 26.73 1.40
C GLY A 189 8.09 26.43 0.01
N GLN A 190 8.54 27.26 -0.96
CA GLN A 190 8.03 27.18 -2.32
C GLN A 190 8.50 25.91 -3.03
N GLU A 191 9.70 25.41 -2.69
CA GLU A 191 10.27 24.26 -3.38
C GLU A 191 9.58 22.95 -3.02
N PHE A 192 8.88 22.91 -1.90
CA PHE A 192 8.23 21.69 -1.45
C PHE A 192 6.90 21.52 -2.17
N LYS A 193 6.75 20.44 -2.90
CA LYS A 193 5.65 20.30 -3.86
C LYS A 193 4.36 19.93 -3.16
N LEU A 194 3.26 20.53 -3.60
CA LEU A 194 1.92 20.20 -3.10
C LEU A 194 1.09 19.63 -4.24
N VAL A 195 0.51 18.48 -3.96
CA VAL A 195 -0.32 17.71 -4.90
C VAL A 195 -1.68 17.55 -4.27
N THR A 196 -2.75 18.01 -5.01
CA THR A 196 -4.05 17.78 -4.41
C THR A 196 -4.59 16.44 -4.88
N PRO A 197 -5.38 15.79 -4.04
CA PRO A 197 -5.85 14.44 -4.36
C PRO A 197 -7.09 14.38 -5.22
N GLY A 198 -7.85 15.46 -5.32
CA GLY A 198 -9.06 15.34 -6.12
C GLY A 198 -10.04 14.30 -5.62
N ILE A 199 -10.23 14.20 -4.31
CA ILE A 199 -11.20 13.29 -3.70
C ILE A 199 -12.23 14.08 -2.91
N ILE A 212 -15.49 24.40 -1.62
CA ILE A 212 -14.54 23.85 -2.59
C ILE A 212 -13.70 24.97 -3.19
N MET A 213 -12.53 24.59 -3.73
CA MET A 213 -11.65 25.48 -4.46
C MET A 213 -11.49 24.99 -5.89
N THR A 214 -11.53 25.93 -6.82
CA THR A 214 -11.38 25.61 -8.22
C THR A 214 -9.92 25.29 -8.55
N PRO A 215 -9.66 24.63 -9.67
CA PRO A 215 -8.26 24.45 -10.08
C PRO A 215 -7.49 25.76 -10.18
N GLU A 216 -8.13 26.84 -10.65
CA GLU A 216 -7.47 28.13 -10.72
C GLU A 216 -7.13 28.66 -9.34
N GLN A 217 -8.06 28.55 -8.40
CA GLN A 217 -7.81 29.01 -7.03
C GLN A 217 -6.76 28.15 -6.36
N ALA A 218 -6.82 26.84 -6.60
CA ALA A 218 -5.80 25.95 -6.06
C ALA A 218 -4.42 26.35 -6.56
N GLN A 219 -4.29 26.61 -7.86
CA GLN A 219 -3.00 27.06 -8.39
C GLN A 219 -2.58 28.38 -7.76
N GLN A 220 -3.54 29.27 -7.54
CA GLN A 220 -3.26 30.56 -6.91
C GLN A 220 -2.77 30.38 -5.48
N ALA A 221 -3.32 29.38 -4.79
CA ALA A 221 -2.93 29.11 -3.42
C ALA A 221 -1.55 28.49 -3.34
N GLY A 222 -1.03 27.95 -4.43
CA GLY A 222 0.29 27.37 -4.42
C GLY A 222 0.36 25.93 -4.82
N VAL A 223 -0.79 25.29 -5.10
CA VAL A 223 -0.77 23.89 -5.55
C VAL A 223 0.09 23.75 -6.80
N ASP A 224 0.94 22.72 -6.80
CA ASP A 224 1.82 22.43 -7.93
C ASP A 224 1.19 21.48 -8.95
N TYR A 225 0.53 20.42 -8.48
CA TYR A 225 -0.09 19.43 -9.35
C TYR A 225 -1.45 19.12 -8.77
N MET A 226 -2.46 18.98 -9.65
CA MET A 226 -3.80 18.71 -9.18
C MET A 226 -4.34 17.44 -9.83
N VAL A 227 -4.71 16.50 -8.99
CA VAL A 227 -5.34 15.26 -9.45
C VAL A 227 -6.82 15.53 -9.63
N ILE A 228 -7.35 15.14 -10.78
CA ILE A 228 -8.77 15.29 -11.08
C ILE A 228 -9.24 13.98 -11.70
N GLY A 229 -10.35 13.49 -11.20
CA GLY A 229 -10.82 12.18 -11.56
C GLY A 229 -12.13 12.25 -12.32
N ARG A 230 -13.21 11.87 -11.62
CA ARG A 230 -14.51 11.78 -12.27
C ARG A 230 -14.99 13.09 -12.87
N PRO A 231 -14.65 14.27 -12.34
CA PRO A 231 -15.08 15.50 -13.02
C PRO A 231 -14.63 15.58 -14.47
N VAL A 232 -13.54 14.90 -14.84
CA VAL A 232 -13.08 14.74 -16.21
C VAL A 232 -13.60 13.44 -16.76
N THR A 233 -13.27 12.31 -16.12
CA THR A 233 -13.49 11.04 -16.81
C THR A 233 -14.96 10.69 -16.96
N GLN A 234 -15.83 11.17 -16.08
CA GLN A 234 -17.27 10.87 -16.16
C GLN A 234 -18.08 12.05 -16.68
N SER A 235 -17.42 13.06 -17.21
CA SER A 235 -18.11 14.20 -17.75
C SER A 235 -18.70 13.83 -19.11
N ALA A 236 -19.56 14.69 -19.62
CA ALA A 236 -20.19 14.40 -20.90
C ALA A 236 -19.17 14.28 -22.03
N ASP A 237 -18.17 15.15 -22.03
CA ASP A 237 -17.17 15.24 -23.09
C ASP A 237 -15.84 15.46 -22.39
N PRO A 238 -15.15 14.38 -22.01
CA PRO A 238 -13.93 14.57 -21.20
C PRO A 238 -12.86 15.46 -21.86
N VAL A 239 -12.67 15.39 -23.17
CA VAL A 239 -11.67 16.26 -23.80
C VAL A 239 -12.05 17.74 -23.62
N ALA A 240 -13.32 18.06 -23.83
CA ALA A 240 -13.79 19.43 -23.65
C ALA A 240 -13.71 19.88 -22.20
N THR A 241 -14.01 18.98 -21.25
CA THR A 241 -13.86 19.33 -19.84
C THR A 241 -12.41 19.65 -19.50
N LEU A 242 -11.50 18.77 -19.93
CA LEU A 242 -10.09 18.98 -19.64
C LEU A 242 -9.61 20.28 -20.28
N ALA A 243 -10.07 20.59 -21.51
CA ALA A 243 -9.64 21.85 -22.10
C ALA A 243 -10.18 23.04 -21.32
N SER A 244 -11.40 22.94 -20.76
CA SER A 244 -11.95 24.05 -19.98
C SER A 244 -11.13 24.29 -18.71
N ILE A 245 -10.73 23.21 -18.06
CA ILE A 245 -9.87 23.31 -16.88
C ILE A 245 -8.52 23.91 -17.25
N ASN A 246 -7.85 23.39 -18.27
CA ASN A 246 -6.54 23.93 -18.63
C ASN A 246 -6.62 25.40 -19.05
N ALA A 247 -7.69 25.80 -19.73
CA ALA A 247 -7.80 27.21 -20.10
C ALA A 247 -7.82 28.12 -18.88
N SER A 248 -8.38 27.66 -17.77
CA SER A 248 -8.40 28.50 -16.57
C SER A 248 -7.04 28.58 -15.90
N LEU A 249 -6.10 27.71 -16.28
CA LEU A 249 -4.84 27.59 -15.57
C LEU A 249 -3.68 28.26 -16.31
N ILE B 20 -4.57 -28.78 -0.89
CA ILE B 20 -4.52 -27.69 0.07
C ILE B 20 -3.66 -28.10 1.27
N THR B 21 -2.59 -27.35 1.55
CA THR B 21 -1.67 -27.74 2.61
C THR B 21 -2.33 -27.66 3.99
N SER B 22 -1.84 -28.50 4.90
CA SER B 22 -2.19 -28.42 6.31
C SER B 22 -1.08 -27.80 7.15
N SER B 23 -0.02 -27.36 6.52
CA SER B 23 1.07 -26.65 7.17
C SER B 23 0.66 -25.21 7.47
N PRO B 24 1.03 -24.68 8.63
CA PRO B 24 0.80 -23.26 8.91
C PRO B 24 1.86 -22.34 8.33
N VAL B 25 2.87 -22.89 7.64
CA VAL B 25 3.98 -22.07 7.15
C VAL B 25 3.57 -21.35 5.88
N VAL B 26 3.96 -20.09 5.79
CA VAL B 26 3.83 -19.30 4.57
C VAL B 26 5.23 -18.81 4.26
N VAL B 27 5.75 -19.17 3.09
CA VAL B 27 7.13 -18.79 2.76
C VAL B 27 7.10 -17.49 1.98
N ALA B 28 7.96 -16.55 2.42
CA ALA B 28 8.04 -15.22 1.85
C ALA B 28 8.88 -15.25 0.59
N LEU B 29 8.30 -14.81 -0.52
CA LEU B 29 9.01 -14.66 -1.79
C LEU B 29 9.44 -13.21 -1.93
N ASP B 30 10.68 -12.92 -1.57
CA ASP B 30 11.19 -11.56 -1.61
C ASP B 30 12.27 -11.40 -2.67
N TYR B 31 12.23 -12.25 -3.68
CA TYR B 31 13.19 -12.19 -4.77
C TYR B 31 13.02 -10.88 -5.53
N ASP B 32 14.06 -10.51 -6.28
CA ASP B 32 13.98 -9.38 -7.20
C ASP B 32 13.88 -9.85 -8.64
N ASN B 33 13.80 -11.16 -8.86
CA ASN B 33 13.82 -11.73 -10.20
C ASN B 33 12.81 -12.84 -10.29
N ARG B 34 12.04 -12.84 -11.38
CA ARG B 34 11.04 -13.89 -11.58
C ARG B 34 11.67 -15.26 -11.66
N ASP B 35 12.73 -15.42 -12.48
CA ASP B 35 13.31 -16.74 -12.69
C ASP B 35 13.82 -17.35 -11.39
N LYS B 36 14.55 -16.56 -10.59
CA LYS B 36 15.04 -17.06 -9.32
C LYS B 36 13.88 -17.47 -8.42
N ALA B 37 12.90 -16.58 -8.26
CA ALA B 37 11.73 -16.92 -7.45
C ALA B 37 11.13 -18.25 -7.87
N LEU B 38 10.86 -18.41 -9.17
CA LEU B 38 10.23 -19.65 -9.63
C LEU B 38 11.20 -20.83 -9.59
N ALA B 39 12.50 -20.58 -9.58
CA ALA B 39 13.47 -21.66 -9.38
C ALA B 39 13.47 -22.18 -7.96
N PHE B 40 13.11 -21.33 -6.99
CA PHE B 40 12.87 -21.80 -5.63
C PHE B 40 11.54 -22.54 -5.52
N VAL B 41 10.49 -22.00 -6.15
CA VAL B 41 9.14 -22.51 -5.97
C VAL B 41 8.97 -23.90 -6.59
N GLU B 42 9.68 -24.19 -7.68
CA GLU B 42 9.58 -25.54 -8.25
C GLU B 42 10.26 -26.58 -7.36
N ARG B 43 11.19 -26.17 -6.49
CA ARG B 43 11.88 -27.11 -5.61
C ARG B 43 10.99 -27.58 -4.46
N ILE B 44 10.03 -26.75 -4.04
CA ILE B 44 9.14 -27.10 -2.93
C ILE B 44 7.78 -27.50 -3.47
N ASP B 45 6.83 -27.78 -2.59
CA ASP B 45 5.60 -28.50 -2.93
C ASP B 45 4.41 -27.80 -2.28
N PRO B 46 3.31 -27.57 -3.02
CA PRO B 46 2.17 -26.87 -2.41
C PRO B 46 1.61 -27.58 -1.21
N ARG B 47 1.88 -28.88 -1.07
CA ARG B 47 1.42 -29.59 0.11
C ARG B 47 2.16 -29.17 1.37
N ASP B 48 3.31 -28.50 1.24
CA ASP B 48 4.20 -28.24 2.36
C ASP B 48 4.14 -26.82 2.87
N CYS B 49 3.56 -25.88 2.11
CA CYS B 49 3.55 -24.49 2.53
C CYS B 49 2.70 -23.66 1.59
N ARG B 50 2.26 -22.51 2.06
CA ARG B 50 1.74 -21.45 1.21
C ARG B 50 2.86 -20.45 0.93
N LEU B 51 2.56 -19.45 0.08
CA LEU B 51 3.55 -18.46 -0.34
C LEU B 51 3.02 -17.05 -0.10
N LYS B 52 3.93 -16.14 0.21
CA LYS B 52 3.62 -14.73 0.42
C LYS B 52 4.25 -13.93 -0.70
N VAL B 53 3.43 -13.13 -1.39
CA VAL B 53 3.89 -12.20 -2.42
C VAL B 53 3.75 -10.80 -1.83
N GLY B 54 4.85 -10.07 -1.79
CA GLY B 54 4.87 -8.74 -1.19
C GLY B 54 5.01 -7.65 -2.23
N LYS B 55 5.25 -6.44 -1.72
CA LYS B 55 5.25 -5.26 -2.57
C LYS B 55 6.30 -5.34 -3.66
N GLU B 56 7.49 -5.84 -3.33
CA GLU B 56 8.56 -5.75 -4.31
C GLU B 56 8.23 -6.61 -5.51
N MET B 57 7.86 -7.88 -5.27
CA MET B 57 7.56 -8.76 -6.39
C MET B 57 6.31 -8.30 -7.13
N PHE B 58 5.31 -7.80 -6.40
CA PHE B 58 4.07 -7.39 -7.08
C PHE B 58 4.29 -6.12 -7.92
N THR B 59 5.06 -5.16 -7.45
CA THR B 59 5.35 -4.00 -8.27
C THR B 59 6.16 -4.39 -9.51
N LEU B 60 7.04 -5.40 -9.39
CA LEU B 60 7.86 -5.77 -10.53
C LEU B 60 7.07 -6.56 -11.55
N LEU B 61 6.18 -7.44 -11.09
CA LEU B 61 5.59 -8.44 -11.96
C LEU B 61 4.07 -8.40 -12.03
N GLY B 62 3.41 -7.78 -11.07
CA GLY B 62 1.98 -7.62 -11.11
C GLY B 62 1.24 -8.91 -10.82
N PRO B 63 -0.05 -8.95 -11.17
CA PRO B 63 -0.87 -10.11 -10.80
C PRO B 63 -0.52 -11.37 -11.57
N GLN B 64 0.15 -11.26 -12.72
CA GLN B 64 0.50 -12.46 -13.44
C GLN B 64 1.42 -13.35 -12.60
N PHE B 65 2.20 -12.78 -11.70
CA PHE B 65 3.06 -13.61 -10.87
C PHE B 65 2.23 -14.45 -9.91
N VAL B 66 1.17 -13.85 -9.37
CA VAL B 66 0.25 -14.58 -8.51
C VAL B 66 -0.40 -15.70 -9.31
N ARG B 67 -0.88 -15.39 -10.51
CA ARG B 67 -1.46 -16.44 -11.35
C ARG B 67 -0.43 -17.54 -11.61
N ASP B 68 0.85 -17.17 -11.75
CA ASP B 68 1.89 -18.16 -11.99
C ASP B 68 2.06 -19.07 -10.78
N LEU B 69 1.78 -18.55 -9.59
CA LEU B 69 1.89 -19.40 -8.41
C LEU B 69 0.66 -20.30 -8.27
N HIS B 70 -0.52 -19.72 -8.48
CA HIS B 70 -1.75 -20.52 -8.51
C HIS B 70 -1.67 -21.66 -9.50
N GLN B 71 -1.13 -21.39 -10.70
CA GLN B 71 -1.07 -22.46 -11.70
C GLN B 71 -0.16 -23.58 -11.24
N ARG B 72 0.80 -23.28 -10.37
CA ARG B 72 1.68 -24.28 -9.79
C ARG B 72 1.09 -24.92 -8.53
N GLY B 73 -0.15 -24.60 -8.18
CA GLY B 73 -0.85 -25.28 -7.11
C GLY B 73 -0.73 -24.63 -5.75
N PHE B 74 -0.09 -23.48 -5.65
CA PHE B 74 0.10 -22.86 -4.36
C PHE B 74 -1.04 -21.90 -4.03
N GLU B 75 -1.37 -21.83 -2.75
CA GLU B 75 -2.17 -20.72 -2.23
C GLU B 75 -1.26 -19.59 -1.76
N VAL B 76 -1.78 -18.37 -1.85
CA VAL B 76 -0.95 -17.17 -1.80
C VAL B 76 -1.51 -16.14 -0.83
N PHE B 77 -0.65 -15.67 0.08
CA PHE B 77 -0.90 -14.47 0.88
C PHE B 77 -0.41 -13.25 0.11
N LEU B 78 -1.33 -12.41 -0.34
CA LEU B 78 -0.98 -11.16 -1.05
C LEU B 78 -0.76 -10.08 0.00
N ASP B 79 0.51 -9.79 0.29
CA ASP B 79 0.92 -8.93 1.40
C ASP B 79 1.30 -7.55 0.86
N LEU B 80 0.28 -6.78 0.46
CA LEU B 80 0.50 -5.42 -0.03
C LEU B 80 0.16 -4.35 0.99
N LYS B 81 -0.50 -4.70 2.09
CA LYS B 81 -0.74 -3.75 3.19
C LYS B 81 -1.50 -2.52 2.67
N PHE B 82 -2.62 -2.75 2.02
CA PHE B 82 -3.40 -1.64 1.47
C PHE B 82 -3.75 -0.62 2.54
N HIS B 83 -3.57 0.65 2.22
CA HIS B 83 -3.86 1.74 3.15
C HIS B 83 -4.34 2.91 2.30
N ASP B 84 -5.65 3.07 2.22
CA ASP B 84 -6.20 4.08 1.33
C ASP B 84 -7.56 4.50 1.87
N ILE B 85 -8.22 5.37 1.11
CA ILE B 85 -9.57 5.75 1.44
C ILE B 85 -10.49 4.53 1.34
N PRO B 86 -11.60 4.52 2.07
CA PRO B 86 -12.42 3.29 2.13
C PRO B 86 -12.83 2.71 0.76
N ASN B 87 -13.32 3.55 -0.16
CA ASN B 87 -13.77 3.01 -1.44
C ASN B 87 -12.63 2.36 -2.21
N THR B 88 -11.48 3.03 -2.24
CA THR B 88 -10.34 2.51 -2.98
C THR B 88 -9.82 1.23 -2.35
N THR B 89 -9.77 1.18 -1.01
CA THR B 89 -9.33 -0.05 -0.36
C THR B 89 -10.30 -1.17 -0.64
N ALA B 90 -11.61 -0.85 -0.64
CA ALA B 90 -12.63 -1.83 -0.97
C ALA B 90 -12.40 -2.41 -2.35
N ARG B 91 -12.16 -1.53 -3.33
CA ARG B 91 -11.95 -1.97 -4.72
C ARG B 91 -10.68 -2.80 -4.85
N ALA B 92 -9.60 -2.40 -4.14
CA ALA B 92 -8.35 -3.16 -4.12
C ALA B 92 -8.50 -4.56 -3.53
N VAL B 93 -9.19 -4.67 -2.38
CA VAL B 93 -9.41 -5.99 -1.80
C VAL B 93 -10.28 -6.85 -2.71
N ALA B 94 -11.30 -6.24 -3.36
CA ALA B 94 -12.09 -7.03 -4.28
C ALA B 94 -11.27 -7.54 -5.45
N ALA B 95 -10.37 -6.69 -5.94
CA ALA B 95 -9.46 -7.10 -7.01
C ALA B 95 -8.60 -8.30 -6.58
N ALA B 96 -8.05 -8.27 -5.35
CA ALA B 96 -7.32 -9.43 -4.86
C ALA B 96 -8.21 -10.66 -4.76
N ALA B 97 -9.48 -10.49 -4.36
CA ALA B 97 -10.42 -11.60 -4.33
C ALA B 97 -10.69 -12.17 -5.72
N GLU B 98 -10.80 -11.30 -6.73
CA GLU B 98 -10.96 -11.76 -8.11
C GLU B 98 -9.71 -12.47 -8.61
N LEU B 99 -8.54 -12.06 -8.13
CA LEU B 99 -7.33 -12.77 -8.47
C LEU B 99 -7.25 -14.15 -7.81
N GLY B 100 -8.05 -14.42 -6.76
CA GLY B 100 -8.16 -15.75 -6.23
C GLY B 100 -7.24 -16.00 -5.05
N VAL B 101 -6.74 -14.96 -4.40
CA VAL B 101 -5.76 -15.16 -3.35
C VAL B 101 -6.44 -15.69 -2.09
N TRP B 102 -5.62 -16.29 -1.23
CA TRP B 102 -6.06 -16.98 -0.04
C TRP B 102 -6.15 -16.06 1.17
N MET B 103 -5.26 -15.06 1.21
CA MET B 103 -5.20 -14.05 2.25
C MET B 103 -4.71 -12.71 1.68
N VAL B 104 -5.26 -11.61 2.19
CA VAL B 104 -4.88 -10.26 1.77
C VAL B 104 -4.91 -9.38 3.01
N ASN B 105 -4.03 -8.38 3.09
CA ASN B 105 -4.04 -7.50 4.25
C ASN B 105 -4.19 -6.01 3.94
N VAL B 106 -4.57 -5.29 5.01
CA VAL B 106 -4.77 -3.85 5.03
C VAL B 106 -4.15 -3.33 6.31
N HIS B 107 -3.91 -2.03 6.33
CA HIS B 107 -3.46 -1.33 7.54
C HIS B 107 -4.65 -0.95 8.40
N ALA B 108 -4.61 -1.37 9.67
CA ALA B 108 -5.60 -0.88 10.60
C ALA B 108 -5.50 0.62 10.78
N SER B 109 -4.32 1.21 10.51
CA SER B 109 -4.17 2.65 10.58
C SER B 109 -5.01 3.40 9.55
N GLY B 110 -5.57 2.70 8.56
CA GLY B 110 -6.54 3.28 7.66
C GLY B 110 -7.88 3.58 8.33
N GLY B 111 -8.13 3.02 9.50
CA GLY B 111 -9.28 3.35 10.30
C GLY B 111 -10.45 2.39 10.11
N ALA B 112 -11.42 2.56 11.02
CA ALA B 112 -12.54 1.65 11.12
C ALA B 112 -13.34 1.64 9.83
N ARG B 113 -13.67 2.81 9.28
CA ARG B 113 -14.51 2.82 8.08
C ARG B 113 -13.81 2.16 6.90
N MET B 114 -12.50 2.35 6.77
CA MET B 114 -11.78 1.67 5.70
C MET B 114 -11.78 0.16 5.94
N MET B 115 -11.57 -0.27 7.19
CA MET B 115 -11.59 -1.71 7.43
C MET B 115 -12.97 -2.29 7.16
N THR B 116 -14.01 -1.59 7.61
CA THR B 116 -15.38 -2.03 7.36
C THR B 116 -15.68 -2.10 5.86
N ALA B 117 -15.17 -1.13 5.09
CA ALA B 117 -15.40 -1.13 3.64
C ALA B 117 -14.73 -2.31 2.98
N ALA B 118 -13.52 -2.66 3.40
CA ALA B 118 -12.83 -3.83 2.86
C ALA B 118 -13.58 -5.12 3.20
N ARG B 119 -14.04 -5.26 4.44
CA ARG B 119 -14.75 -6.47 4.84
C ARG B 119 -16.01 -6.62 4.02
N GLU B 120 -16.76 -5.52 3.90
CA GLU B 120 -18.00 -5.53 3.12
C GLU B 120 -17.77 -5.81 1.65
N ALA B 121 -16.65 -5.35 1.09
CA ALA B 121 -16.36 -5.68 -0.29
C ALA B 121 -16.10 -7.17 -0.50
N LEU B 122 -15.68 -7.87 0.54
CA LEU B 122 -15.39 -9.29 0.40
C LEU B 122 -16.57 -10.21 0.71
N LEU B 123 -17.60 -9.73 1.39
CA LEU B 123 -18.69 -10.62 1.78
C LEU B 123 -19.39 -11.24 0.58
N PRO B 124 -19.62 -10.53 -0.53
CA PRO B 124 -20.23 -11.19 -1.71
C PRO B 124 -19.41 -12.37 -2.22
N PHE B 125 -18.11 -12.40 -1.98
CA PHE B 125 -17.31 -13.52 -2.47
C PHE B 125 -17.56 -14.81 -1.70
N GLY B 126 -18.26 -14.73 -0.59
CA GLY B 126 -18.62 -15.94 0.13
C GLY B 126 -17.42 -16.81 0.41
N LYS B 127 -17.47 -18.06 -0.05
CA LYS B 127 -16.43 -19.03 0.27
C LYS B 127 -15.16 -18.81 -0.55
N GLU B 128 -15.22 -18.02 -1.63
CA GLU B 128 -14.01 -17.64 -2.35
C GLU B 128 -13.29 -16.45 -1.71
N ALA B 129 -13.83 -15.86 -0.67
CA ALA B 129 -13.26 -14.64 -0.15
C ALA B 129 -11.92 -14.96 0.48
N PRO B 130 -10.88 -14.17 0.23
CA PRO B 130 -9.64 -14.37 0.99
C PRO B 130 -9.87 -14.03 2.45
N LEU B 131 -9.00 -14.60 3.30
CA LEU B 131 -8.89 -14.09 4.66
C LEU B 131 -8.41 -12.65 4.62
N LEU B 132 -9.06 -11.81 5.41
CA LEU B 132 -8.75 -10.39 5.51
C LEU B 132 -8.10 -10.11 6.87
N ILE B 133 -6.84 -9.69 6.82
CA ILE B 133 -5.99 -9.54 8.00
C ILE B 133 -5.51 -8.11 8.05
N ALA B 134 -5.40 -7.55 9.25
CA ALA B 134 -4.90 -6.19 9.36
C ALA B 134 -3.50 -6.17 9.94
N VAL B 135 -2.65 -5.31 9.36
CA VAL B 135 -1.42 -4.92 10.03
C VAL B 135 -1.78 -3.91 11.11
N THR B 136 -1.16 -4.05 12.29
CA THR B 136 -1.39 -3.09 13.35
C THR B 136 -0.20 -2.15 13.41
N VAL B 137 0.81 -2.48 14.22
CA VAL B 137 2.09 -1.78 14.20
C VAL B 137 3.09 -2.63 13.43
N LEU B 138 3.79 -2.03 12.48
CA LEU B 138 4.85 -2.75 11.80
C LEU B 138 6.00 -3.08 12.74
N THR B 139 6.69 -4.20 12.44
CA THR B 139 7.80 -4.64 13.28
C THR B 139 8.90 -3.61 13.41
N SER B 140 9.12 -2.81 12.37
CA SER B 140 10.19 -1.81 12.40
C SER B 140 9.90 -0.61 13.27
N MET B 141 8.70 -0.49 13.82
CA MET B 141 8.32 0.72 14.57
C MET B 141 8.64 0.58 16.06
N GLU B 142 9.56 1.43 16.54
CA GLU B 142 9.84 1.53 17.95
C GLU B 142 9.17 2.80 18.49
N ALA B 143 9.26 3.00 19.82
CA ALA B 143 8.55 4.12 20.42
C ALA B 143 8.95 5.46 19.78
N SER B 144 10.23 5.62 19.41
CA SER B 144 10.68 6.90 18.85
C SER B 144 10.11 7.14 17.47
N ASP B 145 9.92 6.07 16.69
CA ASP B 145 9.26 6.21 15.40
C ASP B 145 7.82 6.64 15.57
N LEU B 146 7.13 6.04 16.55
CA LEU B 146 5.74 6.35 16.82
C LEU B 146 5.56 7.77 17.35
N GLN B 147 6.44 8.22 18.24
CA GLN B 147 6.26 9.56 18.80
C GLN B 147 6.36 10.65 17.75
N ASP B 148 7.21 10.47 16.72
CA ASP B 148 7.22 11.41 15.61
C ASP B 148 5.81 11.60 15.03
N LEU B 149 4.97 10.59 15.13
CA LEU B 149 3.64 10.59 14.52
C LEU B 149 2.54 10.97 15.48
N GLY B 150 2.89 11.31 16.71
CA GLY B 150 1.92 11.63 17.74
C GLY B 150 1.46 10.47 18.58
N ILE B 151 1.94 9.25 18.32
CA ILE B 151 1.56 8.08 19.09
C ILE B 151 2.47 7.97 20.30
N MET B 152 1.87 7.94 21.49
CA MET B 152 2.65 7.83 22.71
C MET B 152 2.47 6.50 23.41
N LEU B 153 1.47 5.70 23.04
CA LEU B 153 1.45 4.32 23.49
C LEU B 153 2.67 3.58 22.98
N SER B 154 3.15 2.62 23.77
CA SER B 154 4.20 1.74 23.30
C SER B 154 3.74 1.03 22.02
N PRO B 155 4.68 0.58 21.19
CA PRO B 155 4.31 -0.23 20.03
C PRO B 155 3.34 -1.33 20.38
N ALA B 156 3.59 -2.05 21.47
CA ALA B 156 2.71 -3.16 21.82
C ALA B 156 1.34 -2.67 22.23
N ASP B 157 1.27 -1.60 23.03
CA ASP B 157 -0.05 -1.11 23.44
C ASP B 157 -0.80 -0.53 22.24
N HIS B 158 -0.09 0.18 21.35
CA HIS B 158 -0.75 0.70 20.16
C HIS B 158 -1.24 -0.44 19.28
N ALA B 159 -0.43 -1.49 19.15
CA ALA B 159 -0.83 -2.64 18.35
C ALA B 159 -2.08 -3.28 18.93
N ALA B 160 -2.11 -3.50 20.25
CA ALA B 160 -3.28 -4.08 20.88
C ALA B 160 -4.52 -3.23 20.61
N LYS B 161 -4.37 -1.91 20.69
CA LYS B 161 -5.48 -0.99 20.41
C LYS B 161 -5.98 -1.18 18.99
N LEU B 162 -5.06 -1.21 18.03
CA LEU B 162 -5.44 -1.39 16.64
C LEU B 162 -5.99 -2.78 16.39
N ALA B 163 -5.48 -3.78 17.10
CA ALA B 163 -6.05 -5.12 16.94
C ALA B 163 -7.48 -5.16 17.46
N ALA B 164 -7.76 -4.48 18.58
CA ALA B 164 -9.13 -4.47 19.08
C ALA B 164 -10.05 -3.80 18.09
N LEU B 165 -9.56 -2.74 17.43
CA LEU B 165 -10.36 -2.05 16.43
C LEU B 165 -10.63 -2.97 15.24
N THR B 166 -9.61 -3.72 14.81
CA THR B 166 -9.77 -4.70 13.74
C THR B 166 -10.85 -5.74 14.07
N LYS B 167 -10.80 -6.36 15.25
CA LYS B 167 -11.83 -7.32 15.65
C LYS B 167 -13.21 -6.66 15.63
N ARG B 168 -13.31 -5.44 16.17
CA ARG B 168 -14.62 -4.77 16.20
C ARG B 168 -15.16 -4.58 14.80
N CYS B 169 -14.28 -4.30 13.83
CA CYS B 169 -14.72 -4.15 12.45
C CYS B 169 -15.06 -5.47 11.77
N GLY B 170 -14.86 -6.61 12.43
CA GLY B 170 -15.19 -7.91 11.87
C GLY B 170 -14.13 -8.56 11.00
N LEU B 171 -12.90 -8.07 11.02
CA LEU B 171 -11.88 -8.69 10.18
C LEU B 171 -11.45 -10.04 10.76
N ASP B 172 -10.70 -10.79 9.93
CA ASP B 172 -10.47 -12.19 10.24
C ASP B 172 -9.34 -12.38 11.24
N GLY B 173 -8.44 -11.40 11.33
CA GLY B 173 -7.32 -11.46 12.25
C GLY B 173 -6.34 -10.32 12.01
N VAL B 174 -5.16 -10.44 12.66
CA VAL B 174 -4.11 -9.44 12.60
C VAL B 174 -2.77 -10.11 12.39
N VAL B 175 -1.80 -9.32 11.90
CA VAL B 175 -0.41 -9.69 11.93
C VAL B 175 0.10 -9.32 13.32
N CYS B 176 0.73 -10.25 13.98
N CYS B 176 0.80 -10.25 13.95
CA CYS B 176 1.32 -9.92 15.25
CA CYS B 176 1.12 -10.16 15.37
C CYS B 176 2.56 -10.75 15.41
C CYS B 176 2.35 -11.01 15.67
N SER B 177 3.28 -10.47 16.45
CA SER B 177 4.46 -11.24 16.79
C SER B 177 4.04 -12.37 17.71
N ALA B 178 4.76 -13.48 17.61
CA ALA B 178 4.49 -14.61 18.49
C ALA B 178 4.55 -14.17 19.95
N GLN B 179 5.40 -13.19 20.28
CA GLN B 179 5.55 -12.72 21.65
C GLN B 179 4.26 -12.16 22.23
N GLU B 180 3.31 -11.76 21.38
CA GLU B 180 2.05 -11.17 21.81
C GLU B 180 0.87 -12.11 21.59
N ALA B 181 1.11 -13.32 21.07
CA ALA B 181 0.02 -14.18 20.64
C ALA B 181 -0.81 -14.70 21.81
N VAL B 182 -0.19 -15.07 22.93
CA VAL B 182 -1.03 -15.54 24.03
C VAL B 182 -1.90 -14.39 24.54
N ARG B 183 -1.30 -13.22 24.71
CA ARG B 183 -2.06 -12.04 25.10
C ARG B 183 -3.23 -11.83 24.15
N PHE B 184 -2.97 -11.89 22.85
CA PHE B 184 -4.02 -11.57 21.88
C PHE B 184 -5.12 -12.63 21.86
N LYS B 185 -4.75 -13.92 21.94
CA LYS B 185 -5.80 -14.94 21.99
C LYS B 185 -6.67 -14.78 23.23
N GLN B 186 -6.06 -14.42 24.37
CA GLN B 186 -6.84 -14.21 25.59
C GLN B 186 -7.77 -13.01 25.45
N GLU B 187 -7.31 -11.93 24.81
CA GLU B 187 -8.11 -10.72 24.77
C GLU B 187 -9.12 -10.77 23.63
N LEU B 188 -8.72 -11.33 22.48
CA LEU B 188 -9.52 -11.27 21.26
C LEU B 188 -10.16 -12.57 20.87
N GLY B 189 -9.75 -13.70 21.43
CA GLY B 189 -10.46 -14.94 21.24
C GLY B 189 -9.72 -15.90 20.31
N GLN B 190 -10.03 -17.18 20.50
CA GLN B 190 -9.39 -18.24 19.73
C GLN B 190 -9.69 -18.13 18.24
N GLU B 191 -10.89 -17.65 17.88
CA GLU B 191 -11.25 -17.62 16.45
C GLU B 191 -10.45 -16.57 15.67
N PHE B 192 -10.04 -15.49 16.33
CA PHE B 192 -9.39 -14.36 15.64
C PHE B 192 -7.97 -14.76 15.23
N LYS B 193 -7.66 -14.67 13.93
CA LYS B 193 -6.44 -15.30 13.44
C LYS B 193 -5.23 -14.40 13.69
N LEU B 194 -4.11 -15.03 14.07
CA LEU B 194 -2.85 -14.35 14.24
C LEU B 194 -1.83 -14.89 13.24
N VAL B 195 -1.23 -13.97 12.49
CA VAL B 195 -0.22 -14.26 11.49
C VAL B 195 1.08 -13.58 11.90
N THR B 196 2.16 -14.35 11.97
CA THR B 196 3.40 -13.70 12.35
C THR B 196 4.11 -13.18 11.10
N PRO B 197 4.85 -12.08 11.23
CA PRO B 197 5.36 -11.40 10.04
C PRO B 197 6.68 -11.92 9.48
N GLY B 198 7.36 -12.83 10.15
CA GLY B 198 8.56 -13.40 9.59
C GLY B 198 9.80 -12.56 9.79
N ILE B 199 9.67 -11.41 10.45
CA ILE B 199 10.79 -10.60 10.86
C ILE B 199 10.63 -10.29 12.34
N ARG B 200 11.74 -9.89 12.97
CA ARG B 200 11.73 -9.58 14.38
C ARG B 200 11.75 -8.07 14.58
N ILE B 212 13.23 -15.91 22.21
CA ILE B 212 12.83 -16.18 20.84
C ILE B 212 12.16 -17.54 20.79
N MET B 213 11.21 -17.66 19.87
CA MET B 213 10.35 -18.83 19.75
C MET B 213 10.67 -19.59 18.46
N THR B 214 10.79 -20.92 18.58
CA THR B 214 10.78 -21.78 17.43
C THR B 214 9.39 -21.76 16.81
N PRO B 215 9.28 -22.13 15.53
CA PRO B 215 7.94 -22.29 14.95
C PRO B 215 7.01 -23.13 15.81
N GLU B 216 7.52 -24.24 16.34
CA GLU B 216 6.73 -25.09 17.24
C GLU B 216 6.21 -24.31 18.44
N GLN B 217 7.07 -23.48 19.07
CA GLN B 217 6.63 -22.71 20.23
C GLN B 217 5.65 -21.62 19.83
N ALA B 218 5.84 -21.00 18.66
CA ALA B 218 4.90 -20.00 18.19
C ALA B 218 3.52 -20.62 17.95
N GLN B 219 3.49 -21.82 17.39
CA GLN B 219 2.23 -22.55 17.29
C GLN B 219 1.62 -22.80 18.67
N GLN B 220 2.45 -23.17 19.65
CA GLN B 220 1.95 -23.41 21.01
C GLN B 220 1.35 -22.14 21.60
N ALA B 221 1.91 -20.98 21.24
CA ALA B 221 1.38 -19.69 21.67
C ALA B 221 0.01 -19.37 21.08
N GLY B 222 -0.43 -20.10 20.06
CA GLY B 222 -1.67 -19.79 19.38
C GLY B 222 -1.53 -19.20 17.99
N VAL B 223 -0.31 -19.01 17.46
CA VAL B 223 -0.18 -18.48 16.11
C VAL B 223 -0.86 -19.41 15.13
N ASP B 224 -1.64 -18.83 14.23
CA ASP B 224 -2.36 -19.61 13.24
C ASP B 224 -1.55 -19.84 11.96
N TYR B 225 -0.90 -18.79 11.46
CA TYR B 225 -0.03 -18.87 10.29
C TYR B 225 1.26 -18.12 10.56
N MET B 226 2.38 -18.73 10.19
CA MET B 226 3.67 -18.13 10.42
C MET B 226 4.39 -17.91 9.09
N VAL B 227 4.72 -16.66 8.80
CA VAL B 227 5.53 -16.31 7.65
C VAL B 227 6.98 -16.58 7.96
N ILE B 228 7.66 -17.30 7.06
CA ILE B 228 9.08 -17.60 7.20
C ILE B 228 9.74 -17.21 5.88
N GLY B 229 10.84 -16.46 5.97
CA GLY B 229 11.49 -15.95 4.78
C GLY B 229 12.87 -16.52 4.61
N ARG B 230 13.88 -15.74 4.99
CA ARG B 230 15.28 -16.13 4.74
C ARG B 230 15.65 -17.49 5.32
N PRO B 231 15.17 -17.90 6.49
CA PRO B 231 15.57 -19.23 7.01
C PRO B 231 15.26 -20.38 6.07
N VAL B 232 14.21 -20.25 5.24
CA VAL B 232 13.94 -21.24 4.20
C VAL B 232 14.56 -20.86 2.86
N THR B 233 14.30 -19.63 2.36
CA THR B 233 14.72 -19.32 1.00
C THR B 233 16.23 -19.20 0.86
N GLN B 234 16.94 -18.92 1.95
CA GLN B 234 18.38 -18.76 1.95
C GLN B 234 19.11 -19.93 2.61
N SER B 235 18.47 -21.09 2.71
CA SER B 235 19.13 -22.27 3.22
C SER B 235 19.75 -23.07 2.08
N ALA B 236 20.81 -23.84 2.40
CA ALA B 236 21.43 -24.67 1.37
C ALA B 236 20.48 -25.75 0.87
N ASP B 237 19.53 -26.16 1.70
CA ASP B 237 18.51 -27.15 1.32
C ASP B 237 17.17 -26.65 1.83
N PRO B 238 16.53 -25.72 1.10
CA PRO B 238 15.23 -25.22 1.55
C PRO B 238 14.18 -26.30 1.66
N VAL B 239 14.30 -27.37 0.89
CA VAL B 239 13.32 -28.45 0.99
C VAL B 239 13.47 -29.16 2.34
N ALA B 240 14.71 -29.47 2.73
CA ALA B 240 14.93 -30.17 4.00
C ALA B 240 14.69 -29.23 5.17
N THR B 241 15.07 -27.96 5.02
CA THR B 241 14.72 -26.97 6.04
C THR B 241 13.21 -26.92 6.25
N LEU B 242 12.46 -26.75 5.16
CA LEU B 242 11.01 -26.69 5.28
C LEU B 242 10.45 -28.00 5.84
N ALA B 243 11.02 -29.13 5.42
CA ALA B 243 10.59 -30.41 5.98
C ALA B 243 10.87 -30.47 7.48
N SER B 244 12.00 -29.89 7.91
CA SER B 244 12.35 -29.94 9.33
C SER B 244 11.42 -29.05 10.15
N ILE B 245 11.09 -27.86 9.63
CA ILE B 245 10.11 -26.99 10.28
C ILE B 245 8.77 -27.70 10.39
N ASN B 246 8.31 -28.28 9.28
CA ASN B 246 7.00 -28.94 9.31
C ASN B 246 7.00 -30.13 10.26
N ALA B 247 8.10 -30.90 10.31
CA ALA B 247 8.16 -32.05 11.21
C ALA B 247 7.93 -31.65 12.67
N SER B 248 8.18 -30.39 13.03
CA SER B 248 8.01 -29.90 14.39
C SER B 248 6.62 -29.37 14.68
N LEU B 249 5.78 -29.18 13.66
CA LEU B 249 4.48 -28.50 13.83
C LEU B 249 3.29 -29.46 13.87
#